data_8CAO
#
_entry.id   8CAO
#
_cell.length_a   127.428
_cell.length_b   127.428
_cell.length_c   71.992
_cell.angle_alpha   90.000
_cell.angle_beta   90.000
_cell.angle_gamma   120.000
#
_symmetry.space_group_name_H-M   'P 3 2 1'
#
loop_
_entity.id
_entity.type
_entity.pdbx_description
1 polymer 'Putative ferric reductase'
2 non-polymer 'FLAVIN-ADENINE DINUCLEOTIDE'
3 non-polymer 8-[2-(4-cyclohexylphenyl)quinolin-4-yl]carbonyl-1,3,8-triazaspiro[4.5]decane-2,4-dione
4 non-polymer 1,2-ETHANEDIOL
5 non-polymer DI(HYDROXYETHYL)ETHER
6 water water
#
_entity_poly.entity_id   1
_entity_poly.type   'polypeptide(L)'
_entity_poly.pdbx_seq_one_letter_code
;GSEPTFVVNASLLPSKVLGLQVQRPQSFNYQPGDYLFIKCPGISKFEWHPFTISSAPEMPDVLTLHIRAVGSWTGKLYQL
IREQREEWIRSGSSQSLPGVPVYIDGPYGTPSTHIFESKYAILICAGIGVTPFASILKSILHRNQQNPAKMPLKKVHFYW
LNREQKAFEWFVELLSKIEAEDTNNLFDLNLYLTGAQQKSDMKSSTLFVAMDLMHQETKVDLITGLKSRTKTGRPDWEEI
FKDVAKQHAPDNVEVFFCGPTGLALQLRHLCTKYGFGYRKENFPWLELAAA
;
_entity_poly.pdbx_strand_id   A
#
# COMPACT_ATOMS: atom_id res chain seq x y z
N GLY A 1 8.19 19.61 -0.04
CA GLY A 1 7.57 20.29 1.09
C GLY A 1 8.09 19.77 2.40
N SER A 2 9.03 20.50 3.02
CA SER A 2 9.61 20.08 4.30
C SER A 2 8.94 20.70 5.52
N GLU A 3 8.49 19.86 6.47
CA GLU A 3 7.74 20.36 7.62
C GLU A 3 8.01 19.55 8.88
N PRO A 4 8.07 20.20 10.07
CA PRO A 4 8.33 19.52 11.35
C PRO A 4 7.12 18.92 12.06
N THR A 5 6.70 17.72 11.70
CA THR A 5 5.50 17.15 12.30
C THR A 5 5.74 16.05 13.29
N PHE A 6 4.71 15.24 13.51
CA PHE A 6 4.80 14.21 14.53
C PHE A 6 4.04 12.92 14.37
N VAL A 7 4.65 11.79 14.69
CA VAL A 7 3.87 10.52 14.81
C VAL A 7 2.96 10.65 16.04
N VAL A 8 1.66 10.87 15.86
CA VAL A 8 0.68 11.05 16.97
C VAL A 8 0.18 9.69 17.45
N ASN A 9 0.41 8.61 16.71
CA ASN A 9 -0.08 7.25 17.03
C ASN A 9 0.57 6.21 16.12
N ALA A 10 0.53 4.94 16.52
CA ALA A 10 1.16 3.83 15.79
C ALA A 10 0.46 2.55 16.20
N SER A 11 0.34 1.61 15.27
CA SER A 11 -0.06 0.21 15.54
C SER A 11 1.19 -0.66 15.37
N LEU A 12 1.34 -1.71 16.17
CA LEU A 12 2.36 -2.75 15.93
C LEU A 12 1.62 -3.97 15.38
N LEU A 13 2.08 -4.42 14.23
CA LEU A 13 1.34 -5.27 13.30
C LEU A 13 2.25 -6.44 13.00
N PRO A 14 1.72 -7.60 12.60
CA PRO A 14 2.57 -8.77 12.37
C PRO A 14 3.74 -8.48 11.42
N SER A 15 4.79 -9.28 11.55
CA SER A 15 5.99 -9.27 10.68
C SER A 15 6.77 -7.97 10.89
N LYS A 16 6.73 -7.43 12.10
CA LYS A 16 7.56 -6.28 12.57
C LYS A 16 7.19 -5.05 11.74
N VAL A 17 5.91 -4.75 11.63
CA VAL A 17 5.41 -3.57 10.87
C VAL A 17 4.84 -2.52 11.83
N LEU A 18 5.13 -1.25 11.58
CA LEU A 18 4.53 -0.11 12.30
C LEU A 18 3.48 0.53 11.41
N GLY A 19 2.27 0.70 11.92
CA GLY A 19 1.26 1.52 11.27
C GLY A 19 1.36 2.91 11.84
N LEU A 20 2.36 3.65 11.42
CA LEU A 20 2.55 5.08 11.81
C LEU A 20 1.33 5.90 11.43
N GLN A 21 0.84 6.74 12.35
CA GLN A 21 -0.10 7.83 12.02
C GLN A 21 0.66 9.13 12.24
N VAL A 22 0.68 9.97 11.20
CA VAL A 22 1.49 11.20 11.16
C VAL A 22 0.55 12.35 10.90
N GLN A 23 0.74 13.41 11.68
CA GLN A 23 -0.08 14.64 11.62
C GLN A 23 0.19 15.27 10.26
N ARG A 24 -0.88 15.54 9.52
CA ARG A 24 -0.82 16.05 8.14
C ARG A 24 -0.84 17.57 8.19
N PRO A 25 0.23 18.25 7.74
CA PRO A 25 0.23 19.72 7.63
C PRO A 25 -0.94 20.29 6.82
N GLN A 26 -1.34 21.54 7.08
CA GLN A 26 -2.54 22.22 6.48
C GLN A 26 -2.34 22.24 4.96
N SER A 27 -1.09 22.40 4.52
CA SER A 27 -0.71 22.68 3.12
C SER A 27 -0.38 21.40 2.32
N PHE A 28 -0.47 20.21 2.91
CA PHE A 28 0.13 18.97 2.33
C PHE A 28 -0.93 18.17 1.58
N ASN A 29 -0.99 18.37 0.27
CA ASN A 29 -1.86 17.61 -0.64
C ASN A 29 -1.05 16.47 -1.23
N TYR A 30 -1.70 15.38 -1.51
CA TYR A 30 -1.06 14.19 -2.11
C TYR A 30 -2.12 13.40 -2.84
N GLN A 31 -1.65 12.54 -3.72
CA GLN A 31 -2.50 11.61 -4.50
C GLN A 31 -2.15 10.20 -4.08
N PRO A 32 -3.09 9.28 -4.25
CA PRO A 32 -2.88 7.89 -3.89
C PRO A 32 -1.72 7.37 -4.75
N GLY A 33 -0.78 6.69 -4.12
CA GLY A 33 0.39 6.11 -4.80
C GLY A 33 1.64 6.93 -4.53
N ASP A 34 1.45 8.14 -3.97
CA ASP A 34 2.55 9.07 -3.61
C ASP A 34 3.33 8.48 -2.42
N TYR A 35 4.59 8.87 -2.36
CA TYR A 35 5.46 8.56 -1.22
C TYR A 35 6.05 9.86 -0.70
N LEU A 36 6.70 9.75 0.45
CA LEU A 36 7.46 10.88 1.00
C LEU A 36 8.77 10.35 1.57
N PHE A 37 9.71 11.27 1.82
CA PHE A 37 10.94 10.98 2.59
C PHE A 37 10.65 11.47 4.01
N ILE A 38 11.08 10.71 5.00
CA ILE A 38 10.83 10.99 6.43
C ILE A 38 12.20 10.97 7.12
N LYS A 39 12.44 11.99 7.94
CA LYS A 39 13.59 11.99 8.85
C LYS A 39 13.07 11.92 10.28
N CYS A 40 13.70 11.08 11.12
CA CYS A 40 13.37 10.94 12.54
C CYS A 40 14.63 11.24 13.33
N PRO A 41 14.80 12.50 13.81
CA PRO A 41 16.02 12.92 14.51
C PRO A 41 16.40 11.99 15.68
N GLY A 42 15.41 11.38 16.35
CA GLY A 42 15.62 10.44 17.45
C GLY A 42 16.33 9.17 17.01
N ILE A 43 16.21 8.84 15.72
CA ILE A 43 16.86 7.65 15.11
C ILE A 43 18.20 8.09 14.50
N SER A 44 18.20 9.15 13.69
CA SER A 44 19.34 9.63 12.87
C SER A 44 19.06 11.11 12.59
N LYS A 45 20.05 11.96 12.88
CA LYS A 45 19.83 13.42 12.80
C LYS A 45 19.64 13.78 11.32
N PHE A 46 20.22 12.99 10.40
CA PHE A 46 20.51 13.47 9.02
C PHE A 46 19.96 12.57 7.92
N GLU A 47 19.56 11.33 8.20
CA GLU A 47 19.09 10.36 7.18
C GLU A 47 17.62 10.60 6.88
N TRP A 48 17.27 10.50 5.59
CA TRP A 48 15.90 10.50 5.04
C TRP A 48 15.63 9.15 4.37
N HIS A 49 14.44 8.58 4.62
CA HIS A 49 14.02 7.26 4.10
C HIS A 49 12.66 7.44 3.47
N PRO A 50 12.48 6.87 2.27
CA PRO A 50 11.23 7.01 1.56
C PRO A 50 10.21 5.97 2.02
N PHE A 51 8.96 6.36 2.14
CA PHE A 51 7.87 5.42 2.45
C PHE A 51 6.62 5.89 1.73
N THR A 52 5.88 4.92 1.22
CA THR A 52 4.54 5.14 0.64
C THR A 52 3.63 5.74 1.70
N ILE A 53 2.83 6.72 1.32
CA ILE A 53 1.64 7.11 2.11
C ILE A 53 0.55 6.04 1.93
N SER A 54 0.36 5.18 2.93
CA SER A 54 -0.60 4.05 2.84
C SER A 54 -2.03 4.55 3.01
N SER A 55 -2.22 5.79 3.41
CA SER A 55 -3.56 6.40 3.52
C SER A 55 -4.00 6.97 2.16
N ALA A 56 -5.29 7.26 2.03
CA ALA A 56 -5.88 8.01 0.91
C ALA A 56 -6.02 9.47 1.30
N PRO A 57 -5.83 10.40 0.35
CA PRO A 57 -5.81 11.81 0.66
C PRO A 57 -7.16 12.36 1.13
N GLU A 58 -8.23 11.58 0.99
CA GLU A 58 -9.62 11.92 1.42
C GLU A 58 -9.71 11.90 2.95
N MET A 59 -8.95 11.02 3.64
CA MET A 59 -8.70 11.05 5.12
C MET A 59 -8.00 12.37 5.46
N PRO A 60 -8.43 13.13 6.49
CA PRO A 60 -8.21 14.59 6.51
C PRO A 60 -7.20 15.19 7.50
N ASP A 61 -6.77 14.46 8.52
CA ASP A 61 -5.91 15.04 9.60
C ASP A 61 -4.60 14.30 9.74
N VAL A 62 -4.52 13.07 9.24
CA VAL A 62 -3.30 12.27 9.42
C VAL A 62 -2.98 11.58 8.09
N LEU A 63 -1.68 11.40 7.84
CA LEU A 63 -1.10 10.52 6.80
C LEU A 63 -0.87 9.21 7.53
N THR A 64 -0.91 8.11 6.81
CA THR A 64 -0.44 6.82 7.33
C THR A 64 0.81 6.41 6.57
N LEU A 65 1.71 5.75 7.27
CA LEU A 65 2.83 5.01 6.68
C LEU A 65 2.79 3.63 7.32
N HIS A 66 3.07 2.58 6.55
CA HIS A 66 3.28 1.23 7.09
C HIS A 66 4.70 0.84 6.78
N ILE A 67 5.51 0.68 7.81
CA ILE A 67 6.97 0.55 7.71
C ILE A 67 7.37 -0.76 8.33
N ARG A 68 8.07 -1.61 7.59
CA ARG A 68 8.56 -2.92 8.06
C ARG A 68 10.04 -2.81 8.45
N ALA A 69 10.36 -3.25 9.68
CA ALA A 69 11.73 -3.37 10.25
C ALA A 69 12.52 -4.34 9.42
N VAL A 70 13.41 -3.83 8.58
CA VAL A 70 14.18 -4.69 7.64
C VAL A 70 15.66 -4.46 7.83
N GLY A 71 16.04 -3.42 8.55
CA GLY A 71 17.45 -3.09 8.80
C GLY A 71 17.61 -1.93 9.77
N SER A 72 18.68 -1.18 9.59
CA SER A 72 19.23 -0.33 10.65
C SER A 72 18.19 0.73 11.05
N TRP A 73 17.77 1.60 10.13
CA TRP A 73 16.89 2.74 10.44
C TRP A 73 15.49 2.25 10.81
N THR A 74 14.89 1.33 10.07
CA THR A 74 13.50 0.84 10.37
C THR A 74 13.53 -0.03 11.64
N GLY A 75 14.58 -0.81 11.86
CA GLY A 75 14.76 -1.56 13.12
C GLY A 75 14.76 -0.64 14.31
N LYS A 76 15.47 0.47 14.21
CA LYS A 76 15.58 1.46 15.29
C LYS A 76 14.23 2.13 15.50
N LEU A 77 13.54 2.55 14.43
CA LEU A 77 12.27 3.28 14.61
C LEU A 77 11.24 2.32 15.24
N TYR A 78 11.28 1.03 14.87
CA TYR A 78 10.43 -0.02 15.49
C TYR A 78 10.70 -0.04 17.01
N GLN A 79 11.97 -0.12 17.42
CA GLN A 79 12.39 -0.27 18.84
C GLN A 79 12.00 1.01 19.58
N LEU A 80 12.20 2.17 18.96
CA LEU A 80 11.79 3.44 19.62
C LEU A 80 10.30 3.38 19.93
N ILE A 81 9.49 2.98 18.95
CA ILE A 81 8.01 3.12 19.05
C ILE A 81 7.51 1.99 19.97
N ARG A 82 8.06 0.79 19.89
CA ARG A 82 7.72 -0.31 20.81
C ARG A 82 8.00 0.19 22.23
N GLU A 83 9.24 0.66 22.49
CA GLU A 83 9.72 1.12 23.83
C GLU A 83 8.81 2.25 24.34
N GLN A 84 8.53 3.28 23.54
CA GLN A 84 7.69 4.41 24.00
C GLN A 84 6.30 3.92 24.40
N ARG A 85 5.83 2.85 23.76
CA ARG A 85 4.44 2.35 23.95
C ARG A 85 4.39 1.47 25.19
N GLU A 86 5.27 0.46 25.33
CA GLU A 86 5.60 -0.25 26.59
C GLU A 86 5.69 0.75 27.75
N GLU A 87 6.65 1.68 27.77
CA GLU A 87 6.82 2.74 28.79
C GLU A 87 5.44 3.25 29.19
N TRP A 88 4.49 3.37 28.28
CA TRP A 88 3.13 3.92 28.58
C TRP A 88 2.16 2.84 29.10
N ILE A 89 2.20 1.58 28.64
CA ILE A 89 1.33 0.54 29.32
C ILE A 89 1.67 0.60 30.81
N ARG A 90 2.96 0.71 31.13
CA ARG A 90 3.49 0.59 32.49
C ARG A 90 3.14 1.85 33.30
N SER A 91 3.16 3.03 32.70
CA SER A 91 2.98 4.27 33.45
C SER A 91 2.53 5.42 32.61
N GLY A 92 1.52 5.20 31.80
CA GLY A 92 1.08 6.23 30.91
C GLY A 92 -0.40 6.47 30.96
N SER A 93 -0.77 7.67 31.38
CA SER A 93 -2.15 8.06 31.46
C SER A 93 -2.02 9.50 31.89
N SER A 94 -1.01 9.79 32.72
CA SER A 94 -0.79 11.15 33.25
C SER A 94 -1.02 12.28 32.27
N GLN A 95 -0.32 12.23 31.15
CA GLN A 95 -0.54 13.21 30.11
C GLN A 95 -0.71 12.37 28.86
N SER A 96 -1.23 12.96 27.81
CA SER A 96 -1.48 12.22 26.58
C SER A 96 -0.20 11.75 25.95
N LEU A 97 -0.31 10.81 25.02
CA LEU A 97 0.88 10.26 24.38
C LEU A 97 1.84 11.29 23.74
N PRO A 98 3.15 11.34 24.15
CA PRO A 98 4.06 12.25 23.44
C PRO A 98 4.35 11.78 21.99
N GLY A 99 4.06 12.66 21.02
CA GLY A 99 4.39 12.50 19.59
C GLY A 99 5.90 12.38 19.36
N VAL A 100 6.32 11.40 18.55
CA VAL A 100 7.70 11.35 17.97
C VAL A 100 7.82 12.45 16.92
N PRO A 101 8.74 13.43 17.10
CA PRO A 101 8.96 14.46 16.09
C PRO A 101 9.68 13.83 14.89
N VAL A 102 9.19 14.18 13.71
CA VAL A 102 9.72 13.71 12.39
C VAL A 102 9.61 14.86 11.41
N TYR A 103 10.45 14.85 10.38
CA TYR A 103 10.33 15.77 9.22
C TYR A 103 9.86 14.97 8.03
N ILE A 104 8.98 15.56 7.22
CA ILE A 104 8.53 14.90 5.97
C ILE A 104 8.81 15.81 4.78
N ASP A 105 9.17 15.15 3.68
CA ASP A 105 9.49 15.80 2.40
C ASP A 105 8.67 15.10 1.32
N GLY A 106 7.74 15.83 0.73
CA GLY A 106 7.03 15.36 -0.45
C GLY A 106 5.75 16.13 -0.66
N PRO A 107 4.76 15.58 -1.37
CA PRO A 107 4.81 14.19 -1.83
C PRO A 107 5.61 14.04 -3.15
N TYR A 108 6.02 12.84 -3.46
CA TYR A 108 6.68 12.42 -4.72
C TYR A 108 5.77 11.40 -5.42
N GLY A 109 5.63 11.53 -6.73
CA GLY A 109 4.75 10.68 -7.53
C GLY A 109 5.48 9.48 -8.06
N THR A 110 4.66 8.48 -8.40
CA THR A 110 4.98 7.26 -9.17
C THR A 110 3.96 7.21 -10.28
N PRO A 111 4.26 6.50 -11.36
CA PRO A 111 3.27 6.34 -12.42
C PRO A 111 2.05 5.51 -11.96
N SER A 112 2.08 4.85 -10.80
CA SER A 112 0.91 4.14 -10.23
C SER A 112 -0.30 5.07 -10.13
N THR A 113 -0.12 6.36 -9.91
CA THR A 113 -1.27 7.26 -9.84
C THR A 113 -2.08 7.24 -11.16
N HIS A 114 -1.48 6.90 -12.29
CA HIS A 114 -2.17 6.81 -13.61
C HIS A 114 -3.25 5.72 -13.58
N ILE A 115 -3.21 4.82 -12.62
CA ILE A 115 -4.28 3.77 -12.47
C ILE A 115 -5.70 4.36 -12.66
N PHE A 116 -6.01 5.54 -12.13
CA PHE A 116 -7.36 6.17 -12.18
C PHE A 116 -7.72 6.58 -13.61
N GLU A 117 -6.72 6.76 -14.47
CA GLU A 117 -6.91 7.09 -15.91
C GLU A 117 -6.93 5.82 -16.76
N SER A 118 -6.55 4.66 -16.24
CA SER A 118 -6.61 3.36 -16.98
C SER A 118 -8.05 2.83 -17.07
N LYS A 119 -8.35 2.05 -18.10
CA LYS A 119 -9.62 1.31 -18.22
C LYS A 119 -9.54 0.03 -17.36
N TYR A 120 -8.50 -0.76 -17.59
CA TYR A 120 -8.26 -2.09 -16.98
C TYR A 120 -6.85 -2.12 -16.37
N ALA A 121 -6.73 -2.54 -15.12
CA ALA A 121 -5.44 -2.51 -14.40
C ALA A 121 -5.22 -3.84 -13.71
N ILE A 122 -3.99 -4.32 -13.75
CA ILE A 122 -3.44 -5.41 -12.90
C ILE A 122 -2.51 -4.77 -11.89
N LEU A 123 -2.78 -4.98 -10.60
CA LEU A 123 -1.90 -4.56 -9.49
C LEU A 123 -1.25 -5.80 -8.93
N ILE A 124 0.05 -5.95 -9.05
CA ILE A 124 0.78 -7.09 -8.44
C ILE A 124 1.72 -6.55 -7.38
N CYS A 125 1.69 -7.13 -6.19
CA CYS A 125 2.57 -6.71 -5.09
C CYS A 125 2.96 -7.90 -4.22
N ALA A 126 4.16 -7.79 -3.69
CA ALA A 126 4.79 -8.71 -2.71
C ALA A 126 5.04 -7.95 -1.40
N GLY A 127 4.63 -8.55 -0.29
CA GLY A 127 4.92 -8.05 1.06
C GLY A 127 4.38 -6.66 1.25
N ILE A 128 5.16 -5.81 1.90
CA ILE A 128 4.80 -4.41 2.25
C ILE A 128 4.74 -3.59 0.96
N GLY A 129 5.12 -4.21 -0.17
CA GLY A 129 4.93 -3.64 -1.51
C GLY A 129 3.48 -3.30 -1.80
N VAL A 130 2.56 -3.82 -0.96
CA VAL A 130 1.11 -3.53 -1.05
C VAL A 130 0.78 -2.05 -0.79
N THR A 131 1.59 -1.29 -0.07
CA THR A 131 1.09 -0.01 0.52
C THR A 131 0.59 0.96 -0.54
N PRO A 132 1.27 1.14 -1.70
CA PRO A 132 0.78 2.12 -2.65
C PRO A 132 -0.60 1.68 -3.13
N PHE A 133 -0.79 0.39 -3.28
CA PHE A 133 -2.07 -0.16 -3.75
C PHE A 133 -3.11 -0.09 -2.63
N ALA A 134 -2.70 -0.21 -1.37
CA ALA A 134 -3.62 0.02 -0.24
C ALA A 134 -4.21 1.42 -0.41
N SER A 135 -3.37 2.42 -0.68
CA SER A 135 -3.82 3.83 -0.78
C SER A 135 -4.81 3.97 -1.94
N ILE A 136 -4.52 3.33 -3.08
CA ILE A 136 -5.29 3.42 -4.34
C ILE A 136 -6.65 2.74 -4.10
N LEU A 137 -6.68 1.51 -3.58
CA LEU A 137 -7.97 0.83 -3.27
C LEU A 137 -8.85 1.73 -2.35
N LYS A 138 -8.33 2.27 -1.25
CA LYS A 138 -9.15 3.16 -0.36
C LYS A 138 -9.69 4.32 -1.20
N SER A 139 -8.84 4.91 -2.03
CA SER A 139 -9.23 6.12 -2.78
C SER A 139 -10.37 5.74 -3.74
N ILE A 140 -10.22 4.63 -4.44
CA ILE A 140 -11.27 4.08 -5.33
C ILE A 140 -12.61 3.90 -4.56
N LEU A 141 -12.60 3.34 -3.35
CA LEU A 141 -13.81 3.30 -2.49
C LEU A 141 -14.43 4.71 -2.37
N HIS A 142 -13.83 5.67 -1.64
CA HIS A 142 -14.34 7.06 -1.49
C HIS A 142 -14.94 7.55 -2.82
N ARG A 143 -14.26 7.35 -3.95
CA ARG A 143 -14.59 7.92 -5.29
C ARG A 143 -15.82 7.28 -5.96
N ASN A 144 -16.28 6.11 -5.51
CA ASN A 144 -17.52 5.47 -6.03
C ASN A 144 -18.71 5.96 -5.20
N GLN A 145 -18.55 6.03 -3.87
CA GLN A 145 -19.55 6.59 -2.93
C GLN A 145 -19.80 8.08 -3.29
N GLN A 146 -18.78 8.73 -3.82
CA GLN A 146 -18.90 10.16 -4.09
C GLN A 146 -19.36 10.43 -5.50
N ASN A 147 -18.55 10.09 -6.48
CA ASN A 147 -18.91 10.37 -7.86
C ASN A 147 -18.94 9.11 -8.68
N PRO A 148 -20.06 8.39 -8.61
CA PRO A 148 -20.07 7.12 -9.32
C PRO A 148 -19.96 7.30 -10.81
N ALA A 149 -19.34 6.34 -11.50
CA ALA A 149 -19.19 6.39 -12.95
C ALA A 149 -18.52 7.63 -13.53
N LYS A 150 -17.59 8.22 -12.79
CA LYS A 150 -16.83 9.33 -13.34
C LYS A 150 -15.41 8.84 -13.49
N MET A 151 -15.21 7.54 -13.30
CA MET A 151 -13.88 6.97 -13.39
C MET A 151 -13.77 6.09 -14.59
N PRO A 152 -12.70 6.27 -15.36
CA PRO A 152 -12.48 5.41 -16.51
C PRO A 152 -12.11 4.00 -16.10
N LEU A 153 -11.85 3.76 -14.84
CA LEU A 153 -11.34 2.46 -14.36
C LEU A 153 -12.50 1.47 -14.26
N LYS A 154 -12.46 0.38 -15.01
CA LYS A 154 -13.64 -0.51 -15.17
C LYS A 154 -13.35 -1.83 -14.47
N LYS A 155 -12.08 -2.24 -14.40
CA LYS A 155 -11.70 -3.50 -13.71
C LYS A 155 -10.29 -3.39 -13.15
N VAL A 156 -10.16 -3.73 -11.88
CA VAL A 156 -8.89 -3.84 -11.11
C VAL A 156 -8.69 -5.31 -10.74
N HIS A 157 -7.68 -5.95 -11.31
CA HIS A 157 -7.18 -7.28 -10.92
C HIS A 157 -6.05 -7.04 -9.93
N PHE A 158 -6.22 -7.51 -8.70
CA PHE A 158 -5.30 -7.31 -7.57
C PHE A 158 -4.67 -8.64 -7.20
N TYR A 159 -3.34 -8.71 -7.13
CA TYR A 159 -2.58 -9.91 -6.73
C TYR A 159 -1.60 -9.50 -5.64
N TRP A 160 -1.67 -10.13 -4.47
CA TRP A 160 -0.82 -9.77 -3.31
C TRP A 160 -0.18 -11.04 -2.81
N LEU A 161 1.14 -11.16 -2.98
CA LEU A 161 1.94 -12.34 -2.58
C LEU A 161 2.61 -12.05 -1.25
N ASN A 162 2.65 -13.05 -0.35
CA ASN A 162 3.24 -13.01 1.02
C ASN A 162 3.86 -14.35 1.39
N ARG A 163 5.07 -14.33 1.95
CA ARG A 163 5.76 -15.54 2.48
C ARG A 163 5.01 -16.02 3.73
N GLU A 164 4.53 -15.10 4.59
CA GLU A 164 3.88 -15.37 5.89
C GLU A 164 2.41 -14.93 5.89
N GLN A 165 1.51 -15.84 6.28
CA GLN A 165 0.04 -15.63 6.34
C GLN A 165 -0.29 -14.38 7.18
N LYS A 166 0.47 -14.13 8.25
CA LYS A 166 0.14 -13.07 9.25
C LYS A 166 0.14 -11.69 8.54
N ALA A 167 0.95 -11.52 7.50
CA ALA A 167 1.16 -10.23 6.78
C ALA A 167 -0.13 -9.74 6.12
N PHE A 168 -1.08 -10.62 5.82
CA PHE A 168 -2.37 -10.24 5.20
C PHE A 168 -3.17 -9.43 6.19
N GLU A 169 -2.91 -9.64 7.48
CA GLU A 169 -3.58 -8.86 8.56
C GLU A 169 -3.39 -7.36 8.35
N TRP A 170 -2.29 -6.90 7.73
CA TRP A 170 -2.02 -5.44 7.58
C TRP A 170 -3.23 -4.74 6.99
N PHE A 171 -3.92 -5.36 6.02
CA PHE A 171 -5.05 -4.70 5.31
C PHE A 171 -6.23 -5.65 5.10
N VAL A 172 -6.37 -6.70 5.91
CA VAL A 172 -7.56 -7.61 5.91
C VAL A 172 -8.88 -6.81 6.04
N GLU A 173 -8.95 -5.79 6.87
CA GLU A 173 -10.18 -4.97 7.03
C GLU A 173 -10.50 -4.27 5.72
N LEU A 174 -9.53 -3.60 5.10
CA LEU A 174 -9.70 -2.94 3.80
C LEU A 174 -10.20 -3.97 2.78
N LEU A 175 -9.56 -5.13 2.72
CA LEU A 175 -9.95 -6.14 1.71
C LEU A 175 -11.40 -6.63 1.99
N SER A 176 -11.76 -6.83 3.27
CA SER A 176 -13.14 -7.18 3.73
C SER A 176 -14.11 -6.09 3.30
N LYS A 177 -13.82 -4.84 3.64
CA LYS A 177 -14.70 -3.70 3.30
C LYS A 177 -14.93 -3.70 1.80
N ILE A 178 -13.90 -3.94 0.98
CA ILE A 178 -14.02 -4.01 -0.50
C ILE A 178 -14.91 -5.21 -0.86
N GLU A 179 -14.72 -6.36 -0.22
CA GLU A 179 -15.57 -7.55 -0.54
C GLU A 179 -17.04 -7.23 -0.25
N ALA A 180 -17.37 -6.61 0.88
CA ALA A 180 -18.73 -6.14 1.26
C ALA A 180 -19.28 -5.18 0.21
N GLU A 181 -18.57 -4.07 -0.08
CA GLU A 181 -19.13 -2.89 -0.81
C GLU A 181 -18.98 -2.97 -2.35
N ASP A 182 -18.38 -4.02 -2.90
CA ASP A 182 -18.11 -4.10 -4.36
C ASP A 182 -19.16 -5.03 -5.01
N THR A 183 -20.38 -4.53 -5.08
CA THR A 183 -21.58 -5.22 -5.62
C THR A 183 -21.40 -5.27 -7.15
N ASN A 184 -20.75 -4.24 -7.68
CA ASN A 184 -20.63 -4.01 -9.15
C ASN A 184 -19.40 -4.73 -9.68
N ASN A 185 -18.60 -5.36 -8.81
CA ASN A 185 -17.52 -6.29 -9.20
C ASN A 185 -16.40 -5.54 -9.94
N LEU A 186 -16.10 -4.30 -9.57
CA LEU A 186 -14.87 -3.57 -9.98
C LEU A 186 -13.59 -4.38 -9.72
N PHE A 187 -13.48 -5.06 -8.58
CA PHE A 187 -12.24 -5.71 -8.08
C PHE A 187 -12.33 -7.22 -8.23
N ASP A 188 -11.18 -7.80 -8.53
CA ASP A 188 -10.84 -9.23 -8.54
C ASP A 188 -9.65 -9.34 -7.57
N LEU A 189 -9.92 -9.70 -6.31
CA LEU A 189 -8.88 -9.84 -5.26
C LEU A 189 -8.28 -11.25 -5.27
N ASN A 190 -6.95 -11.36 -5.26
CA ASN A 190 -6.21 -12.65 -5.26
C ASN A 190 -5.03 -12.56 -4.29
N LEU A 191 -5.11 -13.28 -3.18
CA LEU A 191 -4.08 -13.38 -2.13
C LEU A 191 -3.32 -14.68 -2.36
N TYR A 192 -1.99 -14.64 -2.39
CA TYR A 192 -1.15 -15.83 -2.60
C TYR A 192 -0.24 -15.97 -1.38
N LEU A 193 -0.17 -17.17 -0.80
CA LEU A 193 0.83 -17.56 0.23
C LEU A 193 1.91 -18.39 -0.47
N THR A 194 3.19 -17.94 -0.45
CA THR A 194 4.31 -18.42 -1.32
C THR A 194 5.27 -19.40 -0.62
N LEU A 222 -12.17 -18.58 3.96
CA LEU A 222 -10.81 -18.48 3.35
C LEU A 222 -9.77 -18.56 4.47
N ILE A 223 -8.47 -18.51 4.11
CA ILE A 223 -7.34 -18.49 5.09
C ILE A 223 -7.31 -17.12 5.80
N THR A 224 -7.87 -16.09 5.11
CA THR A 224 -7.99 -14.67 5.54
C THR A 224 -9.27 -14.45 6.38
N GLY A 225 -10.28 -15.33 6.26
CA GLY A 225 -11.66 -15.05 6.70
C GLY A 225 -12.40 -14.14 5.72
N LEU A 226 -11.95 -14.09 4.44
CA LEU A 226 -12.61 -13.35 3.32
C LEU A 226 -13.38 -14.34 2.45
N LYS A 227 -14.30 -13.85 1.62
CA LYS A 227 -15.03 -14.68 0.61
C LYS A 227 -14.01 -15.21 -0.42
N SER A 228 -12.90 -14.49 -0.64
CA SER A 228 -11.80 -14.84 -1.61
C SER A 228 -10.79 -15.75 -0.90
N ARG A 229 -10.61 -16.97 -1.39
CA ARG A 229 -9.77 -18.00 -0.73
C ARG A 229 -8.31 -17.63 -1.00
N THR A 230 -7.49 -17.63 0.05
CA THR A 230 -6.02 -17.50 -0.04
C THR A 230 -5.50 -18.66 -0.90
N LYS A 231 -4.83 -18.40 -2.03
CA LYS A 231 -4.26 -19.43 -2.91
C LYS A 231 -2.85 -19.78 -2.42
N THR A 232 -2.21 -20.83 -2.95
CA THR A 232 -0.89 -21.28 -2.45
C THR A 232 0.10 -21.48 -3.60
N GLY A 233 1.38 -21.30 -3.30
CA GLY A 233 2.48 -21.28 -4.28
C GLY A 233 2.57 -19.94 -4.99
N ARG A 234 3.59 -19.82 -5.85
CA ARG A 234 3.74 -18.76 -6.86
C ARG A 234 2.53 -18.82 -7.81
N PRO A 235 1.85 -17.70 -8.14
CA PRO A 235 0.84 -17.71 -9.18
C PRO A 235 1.40 -18.20 -10.51
N ASP A 236 0.53 -18.68 -11.38
CA ASP A 236 0.86 -19.01 -12.77
C ASP A 236 0.58 -17.75 -13.59
N TRP A 237 1.57 -16.86 -13.63
CA TRP A 237 1.44 -15.52 -14.25
C TRP A 237 1.06 -15.64 -15.73
N GLU A 238 1.64 -16.61 -16.44
CA GLU A 238 1.25 -16.88 -17.85
C GLU A 238 -0.27 -17.11 -17.94
N GLU A 239 -0.84 -17.94 -17.10
CA GLU A 239 -2.29 -18.24 -17.21
C GLU A 239 -3.09 -16.99 -16.85
N ILE A 240 -2.63 -16.28 -15.82
CA ILE A 240 -3.32 -15.05 -15.34
C ILE A 240 -3.32 -14.01 -16.48
N PHE A 241 -2.19 -13.80 -17.14
CA PHE A 241 -2.12 -12.73 -18.17
C PHE A 241 -3.00 -13.11 -19.35
N LYS A 242 -2.92 -14.38 -19.73
CA LYS A 242 -3.76 -14.96 -20.82
C LYS A 242 -5.23 -14.69 -20.54
N ASP A 243 -5.67 -14.99 -19.33
CA ASP A 243 -7.10 -14.82 -18.95
C ASP A 243 -7.40 -13.32 -19.04
N VAL A 244 -6.59 -12.49 -18.38
CA VAL A 244 -6.90 -11.04 -18.35
C VAL A 244 -6.89 -10.47 -19.78
N ALA A 245 -5.95 -10.91 -20.62
CA ALA A 245 -5.89 -10.47 -22.04
C ALA A 245 -7.22 -10.78 -22.73
N LYS A 246 -7.68 -12.03 -22.55
CA LYS A 246 -8.97 -12.54 -23.11
C LYS A 246 -10.13 -11.67 -22.61
N GLN A 247 -10.22 -11.44 -21.31
CA GLN A 247 -11.34 -10.59 -20.79
C GLN A 247 -11.41 -9.23 -21.50
N HIS A 248 -10.26 -8.58 -21.77
CA HIS A 248 -10.28 -7.13 -22.11
C HIS A 248 -9.90 -6.85 -23.56
N ALA A 249 -9.45 -7.84 -24.33
CA ALA A 249 -9.23 -7.64 -25.78
C ALA A 249 -10.46 -6.98 -26.41
N PRO A 250 -10.26 -6.05 -27.36
CA PRO A 250 -8.92 -5.66 -27.79
C PRO A 250 -8.38 -4.42 -27.06
N ASP A 251 -8.99 -4.00 -25.95
CA ASP A 251 -8.56 -2.79 -25.20
C ASP A 251 -7.22 -3.03 -24.49
N ASN A 252 -6.62 -1.92 -24.08
CA ASN A 252 -5.34 -1.84 -23.33
C ASN A 252 -5.57 -2.28 -21.88
N VAL A 253 -4.63 -3.06 -21.36
CA VAL A 253 -4.49 -3.39 -19.93
C VAL A 253 -3.15 -2.83 -19.42
N GLU A 254 -3.19 -2.13 -18.28
CA GLU A 254 -2.01 -1.55 -17.61
C GLU A 254 -1.56 -2.43 -16.42
N VAL A 255 -0.33 -2.90 -16.41
CA VAL A 255 0.27 -3.61 -15.26
C VAL A 255 1.02 -2.62 -14.39
N PHE A 256 0.74 -2.63 -13.10
CA PHE A 256 1.42 -1.88 -12.03
C PHE A 256 1.96 -2.90 -11.05
N PHE A 257 3.24 -2.77 -10.71
CA PHE A 257 4.01 -3.76 -9.97
C PHE A 257 4.75 -3.08 -8.83
N CYS A 258 4.78 -3.73 -7.68
CA CYS A 258 5.63 -3.32 -6.56
C CYS A 258 6.17 -4.57 -5.87
N GLY A 259 7.43 -4.91 -6.12
CA GLY A 259 7.94 -6.24 -5.74
C GLY A 259 9.35 -6.51 -6.24
N PRO A 260 9.81 -7.77 -6.21
CA PRO A 260 11.20 -8.07 -6.47
C PRO A 260 11.46 -8.13 -7.98
N THR A 261 12.73 -8.00 -8.36
CA THR A 261 13.19 -7.81 -9.74
C THR A 261 13.03 -9.10 -10.55
N GLY A 262 13.27 -10.25 -9.92
CA GLY A 262 13.08 -11.59 -10.54
C GLY A 262 11.67 -11.72 -11.08
N LEU A 263 10.70 -11.25 -10.33
CA LEU A 263 9.29 -11.31 -10.76
C LEU A 263 9.08 -10.25 -11.85
N ALA A 264 9.58 -9.03 -11.65
CA ALA A 264 9.45 -7.95 -12.66
C ALA A 264 10.00 -8.43 -14.01
N LEU A 265 11.05 -9.24 -14.08
CA LEU A 265 11.58 -9.68 -15.41
C LEU A 265 10.50 -10.53 -16.10
N GLN A 266 9.93 -11.47 -15.37
CA GLN A 266 8.87 -12.38 -15.87
C GLN A 266 7.67 -11.53 -16.33
N LEU A 267 7.26 -10.55 -15.53
CA LEU A 267 6.07 -9.71 -15.82
C LEU A 267 6.31 -8.88 -17.07
N ARG A 268 7.53 -8.35 -17.19
CA ARG A 268 7.93 -7.53 -18.35
C ARG A 268 7.83 -8.38 -19.62
N HIS A 269 8.44 -9.56 -19.61
CA HIS A 269 8.30 -10.50 -20.77
C HIS A 269 6.81 -10.74 -21.06
N LEU A 270 5.99 -11.01 -20.02
CA LEU A 270 4.57 -11.32 -20.26
C LEU A 270 3.86 -10.08 -20.78
N CYS A 271 4.21 -8.87 -20.35
CA CYS A 271 3.47 -7.68 -20.82
C CYS A 271 3.74 -7.49 -22.31
N THR A 272 4.91 -7.88 -22.78
CA THR A 272 5.30 -7.76 -24.23
C THR A 272 4.53 -8.80 -25.03
N LYS A 273 4.49 -10.04 -24.55
CA LYS A 273 3.72 -11.15 -25.15
C LYS A 273 2.24 -10.79 -25.34
N TYR A 274 1.57 -10.17 -24.36
CA TYR A 274 0.12 -9.93 -24.44
C TYR A 274 -0.23 -8.49 -24.78
N GLY A 275 0.74 -7.60 -24.97
CA GLY A 275 0.40 -6.19 -25.27
C GLY A 275 -0.13 -5.38 -24.09
N PHE A 276 0.42 -5.57 -22.89
CA PHE A 276 0.00 -4.82 -21.68
C PHE A 276 0.99 -3.69 -21.43
N GLY A 277 0.57 -2.57 -20.85
CA GLY A 277 1.41 -1.47 -20.37
C GLY A 277 2.33 -1.93 -19.28
N TYR A 278 3.62 -1.64 -19.39
CA TYR A 278 4.65 -1.89 -18.35
C TYR A 278 5.47 -0.60 -18.17
N ARG A 279 5.79 -0.26 -16.93
CA ARG A 279 6.71 0.82 -16.56
C ARG A 279 7.92 0.12 -15.95
N LYS A 280 9.13 0.41 -16.42
CA LYS A 280 10.38 -0.20 -15.89
C LYS A 280 10.67 0.49 -14.56
N GLU A 281 10.55 -0.23 -13.44
CA GLU A 281 10.70 0.33 -12.05
C GLU A 281 11.60 -0.56 -11.18
N ASN A 282 12.30 -1.54 -11.76
CA ASN A 282 13.09 -2.57 -11.05
C ASN A 282 14.47 -2.65 -11.72
#